data_2DKH
#
_entry.id   2DKH
#
_cell.length_a   73.590
_cell.length_b   73.590
_cell.length_c   224.770
_cell.angle_alpha   90.00
_cell.angle_beta   90.00
_cell.angle_gamma   120.00
#
_symmetry.space_group_name_H-M   'P 32 2 1'
#
loop_
_entity.id
_entity.type
_entity.pdbx_description
1 polymer '3-hydroxybenzoate hydroxylase'
2 non-polymer 'SULFATE ION'
3 non-polymer 'FLAVIN-ADENINE DINUCLEOTIDE'
4 non-polymer '3-HYDROXYBENZOIC ACID'
5 water water
#
_entity_poly.entity_id   1
_entity_poly.type   'polypeptide(L)'
_entity_poly.pdbx_seq_one_letter_code
;MQFHLNGFRPGNPLIAPASPLAPAHTEAVPSQVDVLIVGCGPAGLTLAAQLAAFPDIRTCIVEQKEGPMELGQADGIACR
TMEMFEAFEFADSILKEACWINDVTFWKPDPGQPGRIARHGRVQDTEDGLSEFPHVILNQARVHDHYLERMRNSPSRLEP
HYARRVLDVKVDHGAADYPVTVTLERCDAAHAGQIETVQARYVVGCDGARSNVRRAIGRQLVGDSANQAWGVMDVLAVTD
FPDVRYKVAIQSEQGNVLIIPREGGHLVRFYVEMDKLDADERVASRNITVEQLIATAQRVLHPYKLEVKNVPWWSVYEIG
QRICAKYDDVVDAVATPDSPLPRVFIAGDACHTHSPKAGQGMNFSMQDSFNLGWKLAAVLRKQCAPELLHTYSSERQVVA
QQLIDFDREWAKMFSDPAKEGGQGGVDPKEFQKYFEQHGRFTAGVGTHYAPSLLTGQAKHQALASGFTVGMRFHSAPVVR
VCDAKPVQLGHCGKADGRWRLYAFAAQNDLAQPESGLLALCRFLEGDAASPLRRFTPAGQDIDSIFDLRAVFPQAYTEVA
LETLPALLLPPKGQLGMIDYEKVFSPDLKNAGQDIFELRGIDRQQGALVVVRPDQYVAQVLPLGDHAALSAYFESFMRA
;
_entity_poly.pdbx_strand_id   A
#
# COMPACT_ATOMS: atom_id res chain seq x y z
N MET A 1 9.46 5.90 16.54
CA MET A 1 10.26 4.66 16.34
C MET A 1 10.96 4.28 17.64
N GLN A 2 11.13 2.99 17.87
CA GLN A 2 11.81 2.54 19.08
C GLN A 2 13.09 1.82 18.71
N PHE A 3 14.12 2.03 19.51
CA PHE A 3 15.41 1.41 19.28
C PHE A 3 16.24 1.37 20.56
N HIS A 4 17.42 0.78 20.47
CA HIS A 4 18.33 0.56 21.60
C HIS A 4 17.68 -0.48 22.52
N LEU A 5 16.76 -1.27 21.98
CA LEU A 5 16.06 -2.26 22.77
C LEU A 5 16.98 -3.28 23.44
N ASN A 6 18.00 -3.72 22.71
CA ASN A 6 18.91 -4.73 23.23
C ASN A 6 20.28 -4.20 23.59
N GLY A 7 20.40 -2.89 23.62
CA GLY A 7 21.68 -2.25 23.93
C GLY A 7 21.83 -1.03 23.05
N PHE A 8 22.76 -0.15 23.41
CA PHE A 8 22.97 1.04 22.60
C PHE A 8 23.54 0.66 21.25
N ARG A 9 22.96 1.25 20.22
CA ARG A 9 23.37 1.00 18.84
C ARG A 9 23.62 2.37 18.22
N PRO A 10 24.87 2.67 17.85
CA PRO A 10 25.17 3.99 17.26
C PRO A 10 24.71 4.15 15.81
N GLY A 11 24.70 5.39 15.33
CA GLY A 11 24.31 5.67 13.96
C GLY A 11 22.82 5.79 13.72
N ASN A 12 22.44 5.82 12.46
CA ASN A 12 21.03 5.95 12.09
C ASN A 12 20.29 4.68 12.50
N PRO A 13 19.31 4.80 13.41
CA PRO A 13 18.56 3.64 13.86
C PRO A 13 17.72 2.95 12.77
N LEU A 14 17.53 3.64 11.64
CA LEU A 14 16.79 3.06 10.52
C LEU A 14 17.63 2.02 9.79
N ILE A 15 18.91 1.95 10.12
CA ILE A 15 19.79 0.95 9.52
C ILE A 15 19.81 -0.22 10.49
N ALA A 16 19.13 -1.31 10.13
CA ALA A 16 19.06 -2.45 11.02
C ALA A 16 20.33 -3.27 11.01
N PRO A 17 20.61 -4.01 12.09
CA PRO A 17 21.81 -4.83 12.14
C PRO A 17 21.61 -5.95 11.12
N ALA A 18 22.67 -6.37 10.44
CA ALA A 18 22.56 -7.44 9.46
C ALA A 18 22.25 -8.75 10.19
N SER A 19 21.23 -9.47 9.71
CA SER A 19 20.86 -10.74 10.33
C SER A 19 21.74 -11.89 9.86
N PRO A 20 22.15 -12.76 10.79
CA PRO A 20 22.99 -13.90 10.38
C PRO A 20 22.18 -14.93 9.62
N LEU A 21 20.85 -14.77 9.64
CA LEU A 21 19.96 -15.69 8.95
C LEU A 21 19.91 -15.43 7.46
N ALA A 22 20.32 -14.23 7.05
CA ALA A 22 20.30 -13.88 5.64
C ALA A 22 21.67 -13.94 4.98
N PRO A 23 21.88 -14.90 4.08
CA PRO A 23 23.19 -14.99 3.43
C PRO A 23 23.51 -13.72 2.64
N ALA A 24 24.79 -13.41 2.49
CA ALA A 24 25.20 -12.21 1.76
C ALA A 24 24.78 -12.32 0.29
N HIS A 25 24.55 -11.16 -0.33
CA HIS A 25 24.15 -11.09 -1.73
C HIS A 25 25.26 -11.68 -2.61
N THR A 26 24.89 -12.52 -3.56
CA THR A 26 25.86 -13.15 -4.44
C THR A 26 25.73 -12.63 -5.87
N GLU A 27 26.84 -12.65 -6.60
CA GLU A 27 26.88 -12.19 -7.98
C GLU A 27 25.86 -12.98 -8.80
N ALA A 28 25.83 -14.29 -8.59
CA ALA A 28 24.89 -15.16 -9.28
C ALA A 28 23.60 -15.27 -8.49
N VAL A 29 22.50 -15.54 -9.19
CA VAL A 29 21.21 -15.71 -8.54
C VAL A 29 21.27 -17.04 -7.81
N PRO A 30 20.81 -17.09 -6.55
CA PRO A 30 20.82 -18.35 -5.80
C PRO A 30 20.08 -19.47 -6.54
N SER A 31 20.46 -20.71 -6.25
CA SER A 31 19.84 -21.86 -6.90
C SER A 31 18.44 -22.16 -6.37
N GLN A 32 18.19 -21.80 -5.12
CA GLN A 32 16.89 -22.03 -4.51
C GLN A 32 16.54 -20.85 -3.62
N VAL A 33 15.27 -20.46 -3.63
CA VAL A 33 14.82 -19.34 -2.79
C VAL A 33 13.38 -19.60 -2.36
N ASP A 34 12.95 -18.86 -1.34
CA ASP A 34 11.58 -18.99 -0.86
C ASP A 34 10.68 -18.23 -1.80
N VAL A 35 11.08 -17.00 -2.12
CA VAL A 35 10.30 -16.15 -2.99
C VAL A 35 11.14 -15.51 -4.09
N LEU A 36 10.71 -15.67 -5.33
CA LEU A 36 11.40 -15.04 -6.45
C LEU A 36 10.42 -13.98 -6.96
N ILE A 37 10.84 -12.73 -6.94
CA ILE A 37 10.01 -11.61 -7.40
C ILE A 37 10.56 -11.18 -8.74
N VAL A 38 9.69 -11.05 -9.74
CA VAL A 38 10.12 -10.64 -11.06
C VAL A 38 9.70 -9.20 -11.35
N GLY A 39 10.69 -8.33 -11.48
CA GLY A 39 10.43 -6.93 -11.77
C GLY A 39 10.67 -5.95 -10.63
N CYS A 40 11.49 -4.94 -10.88
CA CYS A 40 11.78 -3.92 -9.88
C CYS A 40 11.00 -2.64 -10.15
N GLY A 41 9.72 -2.80 -10.44
CA GLY A 41 8.87 -1.64 -10.65
C GLY A 41 8.23 -1.37 -9.30
N PRO A 42 7.24 -0.47 -9.21
CA PRO A 42 6.59 -0.17 -7.93
C PRO A 42 6.05 -1.41 -7.23
N ALA A 43 5.41 -2.30 -7.98
CA ALA A 43 4.85 -3.50 -7.37
C ALA A 43 5.93 -4.41 -6.79
N GLY A 44 6.97 -4.66 -7.58
CA GLY A 44 8.03 -5.56 -7.12
C GLY A 44 8.82 -5.00 -5.94
N LEU A 45 9.11 -3.70 -5.96
CA LEU A 45 9.88 -3.10 -4.89
C LEU A 45 9.07 -2.98 -3.59
N THR A 46 7.75 -2.83 -3.72
CA THR A 46 6.90 -2.75 -2.54
C THR A 46 6.94 -4.14 -1.87
N LEU A 47 6.79 -5.18 -2.68
CA LEU A 47 6.82 -6.55 -2.17
C LEU A 47 8.19 -6.88 -1.60
N ALA A 48 9.25 -6.51 -2.30
CA ALA A 48 10.60 -6.79 -1.83
C ALA A 48 10.89 -6.07 -0.50
N ALA A 49 10.46 -4.82 -0.41
CA ALA A 49 10.68 -4.04 0.80
C ALA A 49 9.96 -4.70 1.97
N GLN A 50 8.77 -5.23 1.70
CA GLN A 50 8.01 -5.90 2.76
C GLN A 50 8.73 -7.18 3.21
N LEU A 51 9.12 -8.02 2.25
CA LEU A 51 9.77 -9.27 2.60
C LEU A 51 11.18 -9.10 3.17
N ALA A 52 11.81 -7.97 2.90
CA ALA A 52 13.16 -7.69 3.40
C ALA A 52 13.16 -7.62 4.92
N ALA A 53 11.99 -7.39 5.51
CA ALA A 53 11.89 -7.28 6.97
C ALA A 53 12.02 -8.64 7.64
N PHE A 54 11.90 -9.71 6.86
CA PHE A 54 11.94 -11.06 7.39
C PHE A 54 13.19 -11.79 6.88
N PRO A 55 14.31 -11.64 7.59
CA PRO A 55 15.59 -12.26 7.20
C PRO A 55 15.61 -13.79 7.13
N ASP A 56 14.64 -14.43 7.78
CA ASP A 56 14.53 -15.88 7.78
C ASP A 56 13.96 -16.39 6.45
N ILE A 57 13.43 -15.47 5.65
CA ILE A 57 12.85 -15.80 4.36
C ILE A 57 13.85 -15.39 3.27
N ARG A 58 14.18 -16.34 2.39
CA ARG A 58 15.11 -16.08 1.30
C ARG A 58 14.38 -15.50 0.10
N THR A 59 14.53 -14.21 -0.10
CA THR A 59 13.88 -13.50 -1.20
C THR A 59 14.91 -13.05 -2.24
N CYS A 60 14.57 -13.20 -3.51
CA CYS A 60 15.41 -12.79 -4.61
C CYS A 60 14.52 -12.00 -5.54
N ILE A 61 14.96 -10.82 -5.95
CA ILE A 61 14.19 -10.02 -6.88
C ILE A 61 15.06 -9.75 -8.10
N VAL A 62 14.54 -10.10 -9.26
CA VAL A 62 15.27 -9.93 -10.50
C VAL A 62 14.64 -8.83 -11.34
N GLU A 63 15.45 -8.24 -12.21
CA GLU A 63 15.00 -7.14 -13.07
C GLU A 63 15.81 -7.19 -14.35
N GLN A 64 15.15 -7.03 -15.50
CA GLN A 64 15.85 -7.07 -16.77
C GLN A 64 16.68 -5.81 -17.02
N LYS A 65 16.22 -4.68 -16.49
CA LYS A 65 16.98 -3.44 -16.62
C LYS A 65 18.30 -3.67 -15.88
N GLU A 66 19.33 -2.94 -16.27
CA GLU A 66 20.64 -3.16 -15.68
C GLU A 66 20.96 -2.42 -14.39
N GLY A 67 20.03 -1.59 -13.93
CA GLY A 67 20.25 -0.86 -12.71
C GLY A 67 18.99 -0.09 -12.37
N PRO A 68 18.99 0.67 -11.27
CA PRO A 68 17.83 1.45 -10.88
C PRO A 68 17.53 2.57 -11.86
N MET A 69 16.25 2.92 -11.99
CA MET A 69 15.88 4.02 -12.88
C MET A 69 16.15 5.36 -12.22
N GLU A 70 16.31 6.41 -13.04
CA GLU A 70 16.56 7.75 -12.54
C GLU A 70 15.36 8.64 -12.78
N LEU A 71 14.59 8.30 -13.81
CA LEU A 71 13.41 9.09 -14.14
C LEU A 71 12.32 8.10 -14.53
N GLY A 72 11.21 8.14 -13.80
CA GLY A 72 10.13 7.22 -14.06
C GLY A 72 8.96 7.75 -14.84
N GLN A 73 8.10 6.83 -15.25
CA GLN A 73 6.92 7.16 -16.02
C GLN A 73 5.75 7.64 -15.14
N ALA A 74 5.64 7.10 -13.94
CA ALA A 74 4.54 7.50 -13.04
C ALA A 74 5.02 8.55 -12.03
N ASP A 75 4.09 9.35 -11.50
CA ASP A 75 4.46 10.36 -10.52
C ASP A 75 3.39 10.66 -9.48
N GLY A 76 2.17 10.17 -9.67
CA GLY A 76 1.11 10.44 -8.71
C GLY A 76 1.15 9.55 -7.48
N ILE A 77 1.17 10.16 -6.29
CA ILE A 77 1.20 9.42 -5.04
C ILE A 77 -0.08 9.73 -4.26
N ALA A 78 -0.96 8.75 -4.17
CA ALA A 78 -2.24 8.92 -3.50
C ALA A 78 -2.15 8.95 -1.97
N CYS A 79 -3.16 9.54 -1.34
CA CYS A 79 -3.22 9.63 0.13
C CYS A 79 -2.99 8.26 0.77
N ARG A 80 -3.72 7.25 0.31
CA ARG A 80 -3.57 5.91 0.91
C ARG A 80 -2.17 5.34 0.68
N THR A 81 -1.54 5.74 -0.42
CA THR A 81 -0.18 5.29 -0.71
C THR A 81 0.76 5.94 0.31
N MET A 82 0.54 7.22 0.61
CA MET A 82 1.36 7.90 1.61
C MET A 82 1.21 7.17 2.96
N GLU A 83 0.01 6.68 3.24
CA GLU A 83 -0.21 5.96 4.50
C GLU A 83 0.62 4.69 4.54
N MET A 84 0.79 4.04 3.40
CA MET A 84 1.62 2.84 3.34
C MET A 84 3.10 3.25 3.45
N PHE A 85 3.48 4.36 2.83
CA PHE A 85 4.86 4.82 2.93
C PHE A 85 5.19 5.11 4.39
N GLU A 86 4.21 5.58 5.15
CA GLU A 86 4.42 5.86 6.58
C GLU A 86 4.68 4.52 7.28
N ALA A 87 4.00 3.47 6.82
CA ALA A 87 4.19 2.12 7.39
C ALA A 87 5.61 1.62 7.12
N PHE A 88 6.23 2.11 6.04
CA PHE A 88 7.61 1.75 5.69
C PHE A 88 8.61 2.77 6.20
N GLU A 89 8.12 3.71 7.00
CA GLU A 89 8.92 4.77 7.60
C GLU A 89 9.64 5.75 6.69
N PHE A 90 9.06 6.06 5.53
CA PHE A 90 9.71 7.06 4.69
C PHE A 90 8.73 8.11 4.13
N ALA A 91 7.53 8.19 4.72
CA ALA A 91 6.55 9.16 4.27
C ALA A 91 7.07 10.58 4.49
N ASP A 92 7.76 10.79 5.61
CA ASP A 92 8.31 12.10 5.94
C ASP A 92 9.19 12.67 4.82
N SER A 93 10.12 11.85 4.35
CA SER A 93 11.01 12.29 3.29
C SER A 93 10.25 12.59 2.01
N ILE A 94 9.26 11.76 1.70
CA ILE A 94 8.47 11.99 0.48
C ILE A 94 7.73 13.33 0.60
N LEU A 95 7.14 13.59 1.77
CA LEU A 95 6.40 14.84 1.96
C LEU A 95 7.25 16.09 1.76
N LYS A 96 8.52 16.00 2.15
CA LYS A 96 9.43 17.14 2.04
C LYS A 96 9.92 17.38 0.62
N GLU A 97 9.96 16.33 -0.20
CA GLU A 97 10.47 16.46 -1.56
C GLU A 97 9.41 16.56 -2.65
N ALA A 98 8.27 15.90 -2.44
CA ALA A 98 7.20 15.86 -3.42
C ALA A 98 6.43 17.16 -3.56
N CYS A 99 5.77 17.32 -4.71
CA CYS A 99 4.94 18.50 -4.93
C CYS A 99 3.51 18.16 -4.48
N TRP A 100 3.03 18.85 -3.46
CA TRP A 100 1.69 18.59 -2.94
C TRP A 100 0.61 19.09 -3.89
N ILE A 101 -0.48 18.33 -3.99
CA ILE A 101 -1.62 18.77 -4.78
C ILE A 101 -2.68 19.22 -3.76
N ASN A 102 -2.86 20.52 -3.63
CA ASN A 102 -3.82 21.09 -2.68
C ASN A 102 -5.15 21.39 -3.36
N ASP A 103 -5.08 22.02 -4.53
CA ASP A 103 -6.27 22.34 -5.32
C ASP A 103 -6.07 21.81 -6.72
N VAL A 104 -7.18 21.62 -7.42
CA VAL A 104 -7.15 21.25 -8.83
C VAL A 104 -7.99 22.38 -9.46
N THR A 105 -7.48 23.01 -10.52
CA THR A 105 -8.28 24.05 -11.18
C THR A 105 -8.69 23.57 -12.55
N PHE A 106 -9.78 24.11 -13.07
CA PHE A 106 -10.31 23.71 -14.37
C PHE A 106 -10.41 24.92 -15.28
N TRP A 107 -9.93 24.75 -16.52
CA TRP A 107 -9.96 25.82 -17.51
C TRP A 107 -10.68 25.35 -18.75
N LYS A 108 -11.43 26.26 -19.36
CA LYS A 108 -12.21 25.98 -20.56
C LYS A 108 -12.20 27.21 -21.46
N PRO A 109 -12.71 27.08 -22.69
CA PRO A 109 -12.73 28.22 -23.59
C PRO A 109 -13.50 29.37 -22.97
N ASP A 110 -13.04 30.60 -23.19
CA ASP A 110 -13.71 31.78 -22.65
C ASP A 110 -14.90 32.10 -23.55
N PRO A 111 -16.12 32.06 -23.00
CA PRO A 111 -17.36 32.34 -23.73
C PRO A 111 -17.37 33.59 -24.62
N GLY A 112 -16.81 34.68 -24.12
CA GLY A 112 -16.79 35.91 -24.89
C GLY A 112 -15.48 36.23 -25.61
N GLN A 113 -14.61 35.25 -25.76
CA GLN A 113 -13.33 35.47 -26.43
C GLN A 113 -12.85 34.22 -27.16
N PRO A 114 -12.76 34.30 -28.50
CA PRO A 114 -12.32 33.21 -29.38
C PRO A 114 -10.90 32.72 -29.17
N GLY A 115 -10.73 31.40 -29.29
CA GLY A 115 -9.42 30.78 -29.15
C GLY A 115 -8.64 31.07 -27.88
N ARG A 116 -9.34 31.26 -26.77
CA ARG A 116 -8.68 31.54 -25.50
C ARG A 116 -9.33 30.79 -24.34
N ILE A 117 -8.51 30.39 -23.37
CA ILE A 117 -9.03 29.67 -22.22
C ILE A 117 -9.09 30.59 -21.02
N ALA A 118 -9.99 30.28 -20.09
CA ALA A 118 -10.15 31.06 -18.87
C ALA A 118 -10.47 30.08 -17.75
N ARG A 119 -10.16 30.44 -16.52
CA ARG A 119 -10.42 29.57 -15.39
C ARG A 119 -11.92 29.45 -15.17
N HIS A 120 -12.40 28.22 -15.07
CA HIS A 120 -13.81 27.92 -14.90
C HIS A 120 -14.15 27.33 -13.54
N GLY A 121 -13.17 26.73 -12.88
CA GLY A 121 -13.45 26.15 -11.58
C GLY A 121 -12.22 25.81 -10.76
N ARG A 122 -12.46 25.47 -9.50
CA ARG A 122 -11.41 25.12 -8.57
C ARG A 122 -12.00 24.23 -7.49
N VAL A 123 -11.31 23.15 -7.15
CA VAL A 123 -11.79 22.28 -6.09
C VAL A 123 -10.64 21.91 -5.17
N GLN A 124 -10.95 21.67 -3.91
CA GLN A 124 -9.95 21.25 -2.94
C GLN A 124 -9.70 19.80 -3.35
N ASP A 125 -8.44 19.44 -3.58
CA ASP A 125 -8.14 18.10 -4.04
C ASP A 125 -8.53 16.96 -3.12
N THR A 126 -8.23 17.11 -1.83
CA THR A 126 -8.54 16.06 -0.86
C THR A 126 -9.55 16.60 0.15
N GLU A 127 -10.74 16.01 0.18
CA GLU A 127 -11.76 16.48 1.10
C GLU A 127 -11.29 16.41 2.55
N ASP A 128 -11.74 17.37 3.34
CA ASP A 128 -11.36 17.44 4.75
C ASP A 128 -11.68 16.11 5.42
N GLY A 129 -10.78 15.69 6.31
CA GLY A 129 -10.98 14.44 7.04
C GLY A 129 -10.76 13.15 6.28
N LEU A 130 -10.38 13.21 5.01
CA LEU A 130 -10.18 11.99 4.22
C LEU A 130 -8.92 11.19 4.61
N SER A 131 -7.81 11.90 4.81
CA SER A 131 -6.55 11.24 5.17
C SER A 131 -5.67 12.20 5.93
N GLU A 132 -4.75 11.67 6.75
CA GLU A 132 -3.84 12.54 7.47
C GLU A 132 -2.70 12.99 6.56
N PHE A 133 -2.63 12.42 5.36
CA PHE A 133 -1.60 12.79 4.39
C PHE A 133 -2.23 13.43 3.16
N PRO A 134 -1.46 14.31 2.48
CA PRO A 134 -1.95 14.97 1.28
C PRO A 134 -1.63 14.08 0.09
N HIS A 135 -2.19 14.44 -1.05
CA HIS A 135 -1.95 13.77 -2.31
C HIS A 135 -0.70 14.50 -2.79
N VAL A 136 0.31 13.78 -3.27
CA VAL A 136 1.53 14.47 -3.73
C VAL A 136 2.04 13.88 -5.03
N ILE A 137 2.96 14.60 -5.66
CA ILE A 137 3.55 14.20 -6.94
C ILE A 137 5.06 14.03 -6.79
N LEU A 138 5.57 12.87 -7.20
CA LEU A 138 6.99 12.62 -7.11
C LEU A 138 7.44 11.53 -8.06
N ASN A 139 8.51 11.86 -8.79
CA ASN A 139 9.15 10.97 -9.74
C ASN A 139 9.20 9.54 -9.16
N GLN A 140 8.61 8.62 -9.90
CA GLN A 140 8.58 7.20 -9.56
C GLN A 140 9.95 6.69 -9.10
N ALA A 141 10.99 7.12 -9.80
CA ALA A 141 12.35 6.69 -9.47
C ALA A 141 12.73 6.98 -8.02
N ARG A 142 12.23 8.10 -7.49
CA ARG A 142 12.56 8.44 -6.11
C ARG A 142 11.84 7.51 -5.15
N VAL A 143 10.67 7.02 -5.53
CA VAL A 143 9.95 6.08 -4.68
C VAL A 143 10.76 4.78 -4.69
N HIS A 144 11.22 4.38 -5.88
CA HIS A 144 12.05 3.18 -5.99
C HIS A 144 13.27 3.33 -5.11
N ASP A 145 13.88 4.53 -5.14
CA ASP A 145 15.09 4.76 -4.32
C ASP A 145 14.82 4.50 -2.84
N HIS A 146 13.67 4.94 -2.36
CA HIS A 146 13.34 4.74 -0.95
C HIS A 146 13.16 3.25 -0.64
N TYR A 147 12.48 2.53 -1.52
CA TYR A 147 12.28 1.10 -1.31
C TYR A 147 13.62 0.36 -1.35
N LEU A 148 14.49 0.75 -2.28
CA LEU A 148 15.78 0.10 -2.42
C LEU A 148 16.64 0.34 -1.18
N GLU A 149 16.52 1.53 -0.60
CA GLU A 149 17.28 1.87 0.60
C GLU A 149 16.73 1.07 1.78
N ARG A 150 15.42 0.94 1.84
CA ARG A 150 14.76 0.18 2.90
C ARG A 150 15.21 -1.29 2.81
N MET A 151 15.27 -1.81 1.59
CA MET A 151 15.68 -3.20 1.37
C MET A 151 17.13 -3.41 1.79
N ARG A 152 17.99 -2.47 1.39
CA ARG A 152 19.42 -2.52 1.68
C ARG A 152 19.71 -2.41 3.18
N ASN A 153 18.98 -1.53 3.86
CA ASN A 153 19.17 -1.32 5.29
C ASN A 153 18.39 -2.28 6.19
N SER A 154 17.62 -3.17 5.59
CA SER A 154 16.85 -4.15 6.36
C SER A 154 17.78 -5.22 6.91
N PRO A 155 17.28 -6.04 7.85
CA PRO A 155 18.15 -7.08 8.40
C PRO A 155 18.60 -8.07 7.31
N SER A 156 17.84 -8.12 6.21
CA SER A 156 18.14 -9.02 5.09
C SER A 156 19.21 -8.49 4.13
N ARG A 157 19.48 -7.19 4.16
CA ARG A 157 20.47 -6.58 3.27
C ARG A 157 20.13 -6.98 1.83
N LEU A 158 18.85 -6.94 1.51
CA LEU A 158 18.35 -7.33 0.19
C LEU A 158 18.63 -6.31 -0.91
N GLU A 159 19.11 -6.80 -2.04
CA GLU A 159 19.35 -5.96 -3.21
C GLU A 159 19.02 -6.79 -4.44
N PRO A 160 18.57 -6.13 -5.51
CA PRO A 160 18.20 -6.82 -6.76
C PRO A 160 19.34 -7.45 -7.53
N HIS A 161 18.98 -8.42 -8.36
CA HIS A 161 19.91 -9.06 -9.26
C HIS A 161 19.44 -8.47 -10.59
N TYR A 162 20.17 -7.48 -11.07
CA TYR A 162 19.82 -6.78 -12.31
C TYR A 162 20.28 -7.50 -13.57
N ALA A 163 19.81 -7.01 -14.72
CA ALA A 163 20.16 -7.57 -16.01
C ALA A 163 19.78 -9.04 -16.13
N ARG A 164 18.57 -9.36 -15.66
CA ARG A 164 18.05 -10.72 -15.73
C ARG A 164 16.64 -10.69 -16.30
N ARG A 165 16.43 -11.40 -17.41
CA ARG A 165 15.09 -11.44 -18.00
C ARG A 165 14.47 -12.81 -17.79
N VAL A 166 13.36 -12.86 -17.06
CA VAL A 166 12.69 -14.13 -16.83
C VAL A 166 12.05 -14.57 -18.14
N LEU A 167 12.38 -15.77 -18.57
CA LEU A 167 11.86 -16.31 -19.82
C LEU A 167 10.72 -17.30 -19.61
N ASP A 168 10.78 -18.05 -18.52
CA ASP A 168 9.72 -19.03 -18.26
C ASP A 168 9.57 -19.35 -16.78
N VAL A 169 8.38 -19.84 -16.45
CA VAL A 169 8.04 -20.23 -15.08
C VAL A 169 7.21 -21.51 -15.17
N LYS A 170 7.68 -22.57 -14.52
CA LYS A 170 6.98 -23.85 -14.55
C LYS A 170 6.80 -24.42 -13.15
N VAL A 171 5.58 -24.85 -12.86
CA VAL A 171 5.25 -25.43 -11.57
C VAL A 171 5.19 -26.95 -11.67
N ASP A 172 5.98 -27.61 -10.83
CA ASP A 172 6.01 -29.07 -10.78
C ASP A 172 5.11 -29.50 -9.63
N HIS A 173 3.85 -29.81 -9.93
CA HIS A 173 2.90 -30.20 -8.90
C HIS A 173 3.22 -31.51 -8.19
N GLY A 174 4.32 -32.14 -8.57
CA GLY A 174 4.71 -33.38 -7.93
C GLY A 174 6.00 -33.21 -7.14
N ALA A 175 6.50 -31.97 -7.11
CA ALA A 175 7.73 -31.66 -6.39
C ALA A 175 7.49 -31.65 -4.88
N ALA A 176 8.52 -32.07 -4.13
CA ALA A 176 8.43 -32.13 -2.68
C ALA A 176 8.60 -30.73 -2.07
N ASP A 177 9.47 -29.93 -2.68
CA ASP A 177 9.74 -28.57 -2.20
C ASP A 177 10.20 -27.73 -3.39
N TYR A 178 10.27 -26.42 -3.22
CA TYR A 178 10.69 -25.51 -4.30
C TYR A 178 10.15 -26.04 -5.62
N PRO A 179 8.82 -26.18 -5.73
CA PRO A 179 8.17 -26.69 -6.95
C PRO A 179 8.16 -25.81 -8.18
N VAL A 180 8.54 -24.54 -8.03
CA VAL A 180 8.53 -23.64 -9.18
C VAL A 180 9.91 -23.45 -9.77
N THR A 181 10.05 -23.71 -11.07
CA THR A 181 11.32 -23.54 -11.76
C THR A 181 11.27 -22.29 -12.63
N VAL A 182 12.21 -21.37 -12.40
CA VAL A 182 12.25 -20.15 -13.20
C VAL A 182 13.51 -20.13 -14.06
N THR A 183 13.33 -19.83 -15.33
CA THR A 183 14.44 -19.75 -16.26
C THR A 183 14.71 -18.29 -16.57
N LEU A 184 15.96 -17.87 -16.43
CA LEU A 184 16.34 -16.47 -16.67
C LEU A 184 17.50 -16.35 -17.64
N GLU A 185 17.52 -15.24 -18.37
CA GLU A 185 18.60 -14.97 -19.29
C GLU A 185 19.30 -13.69 -18.84
N ARG A 186 20.63 -13.74 -18.76
CA ARG A 186 21.38 -12.57 -18.33
C ARG A 186 21.49 -11.62 -19.53
N CYS A 187 21.18 -10.35 -19.28
CA CYS A 187 21.15 -9.32 -20.32
C CYS A 187 22.38 -8.46 -20.50
N ASP A 188 23.24 -8.37 -19.49
CA ASP A 188 24.42 -7.55 -19.63
C ASP A 188 25.41 -8.15 -20.62
N ALA A 189 26.19 -7.28 -21.27
CA ALA A 189 27.18 -7.72 -22.26
C ALA A 189 28.12 -8.79 -21.73
N ALA A 190 28.58 -8.61 -20.49
CA ALA A 190 29.50 -9.55 -19.86
C ALA A 190 28.98 -10.98 -19.76
N HIS A 191 27.67 -11.14 -19.66
CA HIS A 191 27.09 -12.47 -19.57
C HIS A 191 25.97 -12.68 -20.58
N ALA A 192 25.92 -11.80 -21.57
CA ALA A 192 24.89 -11.86 -22.61
C ALA A 192 24.56 -13.28 -23.06
N GLY A 193 23.29 -13.64 -22.93
CA GLY A 193 22.84 -14.97 -23.34
C GLY A 193 22.96 -16.07 -22.31
N GLN A 194 23.70 -15.85 -21.23
CA GLN A 194 23.84 -16.87 -20.20
C GLN A 194 22.50 -17.17 -19.55
N ILE A 195 22.23 -18.46 -19.35
CA ILE A 195 20.98 -18.90 -18.75
C ILE A 195 21.15 -19.29 -17.29
N GLU A 196 20.24 -18.82 -16.45
CA GLU A 196 20.25 -19.13 -15.02
C GLU A 196 18.92 -19.79 -14.71
N THR A 197 18.93 -20.72 -13.76
CA THR A 197 17.72 -21.43 -13.36
C THR A 197 17.59 -21.33 -11.85
N VAL A 198 16.40 -20.99 -11.38
CA VAL A 198 16.14 -20.85 -9.95
C VAL A 198 14.91 -21.65 -9.54
N GLN A 199 15.03 -22.38 -8.44
CA GLN A 199 13.91 -23.15 -7.91
C GLN A 199 13.36 -22.34 -6.74
N ALA A 200 12.05 -22.12 -6.73
CA ALA A 200 11.45 -21.33 -5.67
C ALA A 200 10.19 -21.95 -5.11
N ARG A 201 9.84 -21.57 -3.88
CA ARG A 201 8.63 -22.07 -3.27
C ARG A 201 7.47 -21.25 -3.82
N TYR A 202 7.72 -19.95 -4.05
CA TYR A 202 6.71 -19.04 -4.58
C TYR A 202 7.35 -18.05 -5.52
N VAL A 203 6.62 -17.68 -6.57
CA VAL A 203 7.09 -16.72 -7.55
C VAL A 203 6.02 -15.66 -7.73
N VAL A 204 6.43 -14.39 -7.77
CA VAL A 204 5.48 -13.32 -7.97
C VAL A 204 5.89 -12.47 -9.16
N GLY A 205 5.01 -12.45 -10.16
CA GLY A 205 5.29 -11.66 -11.35
C GLY A 205 4.83 -10.23 -11.19
N CYS A 206 5.78 -9.32 -11.02
CA CYS A 206 5.49 -7.89 -10.90
C CYS A 206 6.18 -7.32 -12.12
N ASP A 207 6.08 -8.05 -13.23
CA ASP A 207 6.76 -7.65 -14.45
C ASP A 207 6.03 -6.81 -15.49
N GLY A 208 5.01 -6.07 -15.04
CA GLY A 208 4.32 -5.17 -15.94
C GLY A 208 3.36 -5.67 -16.99
N ALA A 209 2.86 -4.73 -17.78
CA ALA A 209 1.87 -4.97 -18.83
C ALA A 209 2.17 -6.13 -19.76
N ARG A 210 3.43 -6.34 -20.10
CA ARG A 210 3.82 -7.42 -21.01
C ARG A 210 4.44 -8.58 -20.23
N SER A 211 3.99 -8.76 -18.99
CA SER A 211 4.48 -9.81 -18.10
C SER A 211 4.69 -11.20 -18.70
N ASN A 212 5.92 -11.72 -18.58
CA ASN A 212 6.22 -13.07 -19.04
C ASN A 212 5.70 -14.09 -18.03
N VAL A 213 5.59 -13.67 -16.77
CA VAL A 213 5.09 -14.57 -15.74
C VAL A 213 3.60 -14.87 -16.00
N ARG A 214 2.85 -13.82 -16.34
CA ARG A 214 1.42 -13.98 -16.64
C ARG A 214 1.27 -14.96 -17.81
N ARG A 215 2.08 -14.75 -18.84
CA ARG A 215 2.03 -15.60 -20.02
C ARG A 215 2.39 -17.04 -19.67
N ALA A 216 3.38 -17.19 -18.78
CA ALA A 216 3.83 -18.51 -18.38
C ALA A 216 2.73 -19.30 -17.70
N ILE A 217 1.86 -18.65 -16.94
CA ILE A 217 0.79 -19.37 -16.26
C ILE A 217 -0.53 -19.33 -17.01
N GLY A 218 -0.46 -18.98 -18.29
CA GLY A 218 -1.67 -18.96 -19.12
C GLY A 218 -2.75 -17.94 -18.82
N ARG A 219 -2.44 -16.89 -18.07
CA ARG A 219 -3.43 -15.87 -17.78
C ARG A 219 -3.36 -14.85 -18.89
N GLN A 220 -4.45 -14.14 -19.11
CA GLN A 220 -4.48 -13.12 -20.16
C GLN A 220 -5.30 -11.92 -19.74
N LEU A 221 -4.81 -10.74 -20.10
CA LEU A 221 -5.50 -9.49 -19.80
C LEU A 221 -6.71 -9.35 -20.71
N VAL A 222 -7.90 -9.36 -20.12
CA VAL A 222 -9.12 -9.23 -20.88
C VAL A 222 -9.75 -7.87 -20.64
N GLY A 223 -10.05 -7.16 -21.73
CA GLY A 223 -10.66 -5.85 -21.58
C GLY A 223 -10.87 -5.15 -22.92
N ASP A 224 -10.95 -3.83 -22.88
CA ASP A 224 -11.16 -3.04 -24.08
C ASP A 224 -9.86 -2.45 -24.59
N SER A 225 -9.83 -2.09 -25.88
CA SER A 225 -8.64 -1.52 -26.50
C SER A 225 -8.34 -0.15 -25.90
N ALA A 226 -7.14 0.36 -26.18
CA ALA A 226 -6.72 1.67 -25.68
C ALA A 226 -7.84 2.68 -25.87
N ASN A 227 -8.50 3.02 -24.77
CA ASN A 227 -9.60 3.98 -24.80
C ASN A 227 -9.12 5.31 -25.37
N GLN A 228 -7.87 5.68 -25.03
CA GLN A 228 -7.29 6.92 -25.52
C GLN A 228 -5.76 6.84 -25.55
N ALA A 229 -5.14 7.87 -26.10
CA ALA A 229 -3.68 7.95 -26.18
C ALA A 229 -3.25 9.32 -25.71
N TRP A 230 -2.25 9.35 -24.82
CA TRP A 230 -1.78 10.62 -24.29
C TRP A 230 -0.31 10.90 -24.55
N GLY A 231 -0.02 12.12 -25.01
CA GLY A 231 1.36 12.50 -25.21
C GLY A 231 1.74 13.02 -23.83
N VAL A 232 2.86 12.56 -23.30
CA VAL A 232 3.29 12.99 -21.96
C VAL A 232 4.69 13.56 -22.03
N MET A 233 4.89 14.73 -21.43
CA MET A 233 6.21 15.34 -21.43
C MET A 233 6.51 16.04 -20.11
N ASP A 234 7.71 15.82 -19.61
CA ASP A 234 8.18 16.44 -18.38
C ASP A 234 9.07 17.55 -18.88
N VAL A 235 8.70 18.79 -18.58
CA VAL A 235 9.46 19.91 -19.09
C VAL A 235 9.87 20.97 -18.09
N LEU A 236 10.94 21.68 -18.43
CA LEU A 236 11.43 22.81 -17.66
C LEU A 236 11.13 23.94 -18.64
N ALA A 237 10.04 24.66 -18.36
CA ALA A 237 9.60 25.73 -19.25
C ALA A 237 9.22 26.99 -18.50
N VAL A 238 9.11 28.08 -19.25
CA VAL A 238 8.72 29.37 -18.69
C VAL A 238 7.36 29.71 -19.28
N THR A 239 6.38 29.96 -18.42
CA THR A 239 5.04 30.30 -18.89
C THR A 239 4.46 31.39 -18.02
N ASP A 240 3.50 32.12 -18.56
CA ASP A 240 2.82 33.15 -17.80
C ASP A 240 1.43 32.64 -17.44
N PHE A 241 1.20 31.34 -17.66
CA PHE A 241 -0.07 30.71 -17.31
C PHE A 241 -0.05 30.75 -15.77
N PRO A 242 -1.01 31.44 -15.14
CA PRO A 242 -1.06 31.55 -13.67
C PRO A 242 -1.24 30.31 -12.79
N ASP A 243 -1.81 29.25 -13.32
CA ASP A 243 -2.06 28.04 -12.53
C ASP A 243 -1.09 26.90 -12.77
N VAL A 244 0.06 27.18 -13.38
CA VAL A 244 1.02 26.13 -13.69
C VAL A 244 1.51 25.29 -12.50
N ARG A 245 1.46 25.82 -11.27
CA ARG A 245 1.91 25.05 -10.11
C ARG A 245 0.79 24.26 -9.42
N TYR A 246 -0.40 24.27 -10.02
CA TYR A 246 -1.54 23.50 -9.51
C TYR A 246 -1.69 22.31 -10.46
N LYS A 247 -2.55 21.36 -10.07
CA LYS A 247 -2.88 20.26 -10.98
C LYS A 247 -3.98 20.98 -11.75
N VAL A 248 -3.94 20.95 -13.08
CA VAL A 248 -4.91 21.67 -13.89
C VAL A 248 -5.48 20.86 -15.04
N ALA A 249 -6.81 20.84 -15.16
CA ALA A 249 -7.46 20.14 -16.25
C ALA A 249 -7.88 21.24 -17.23
N ILE A 250 -7.33 21.19 -18.45
CA ILE A 250 -7.61 22.20 -19.48
C ILE A 250 -8.32 21.64 -20.71
N GLN A 251 -9.48 22.20 -21.02
CA GLN A 251 -10.23 21.80 -22.21
C GLN A 251 -10.27 23.03 -23.12
N SER A 252 -9.91 22.84 -24.38
CA SER A 252 -9.93 23.95 -25.32
C SER A 252 -10.30 23.40 -26.69
N GLU A 253 -10.51 24.30 -27.65
CA GLU A 253 -10.86 23.88 -29.00
C GLU A 253 -9.60 23.47 -29.76
N GLN A 254 -8.45 23.62 -29.11
CA GLN A 254 -7.16 23.26 -29.68
C GLN A 254 -6.70 21.91 -29.13
N GLY A 255 -7.47 21.36 -28.19
CA GLY A 255 -7.13 20.09 -27.59
C GLY A 255 -7.26 20.12 -26.07
N ASN A 256 -7.14 18.96 -25.45
CA ASN A 256 -7.25 18.88 -23.99
C ASN A 256 -5.89 18.56 -23.37
N VAL A 257 -5.60 19.21 -22.25
CA VAL A 257 -4.33 19.04 -21.57
C VAL A 257 -4.54 18.94 -20.06
N LEU A 258 -3.70 18.13 -19.42
CA LEU A 258 -3.76 17.99 -17.96
C LEU A 258 -2.36 18.40 -17.49
N ILE A 259 -2.28 19.34 -16.56
CA ILE A 259 -1.00 19.80 -16.03
C ILE A 259 -0.78 19.18 -14.66
N ILE A 260 0.37 18.54 -14.48
CA ILE A 260 0.70 17.95 -13.17
C ILE A 260 2.00 18.63 -12.73
N PRO A 261 1.94 19.48 -11.68
CA PRO A 261 3.15 20.16 -11.21
C PRO A 261 4.08 19.13 -10.58
N ARG A 262 5.37 19.24 -10.86
CA ARG A 262 6.30 18.24 -10.35
C ARG A 262 7.18 18.69 -9.20
N GLU A 263 7.78 17.71 -8.54
CA GLU A 263 8.65 17.95 -7.40
C GLU A 263 9.73 18.99 -7.72
N GLY A 264 10.01 19.88 -6.77
CA GLY A 264 11.06 20.87 -6.98
C GLY A 264 10.63 22.27 -7.37
N GLY A 265 9.34 22.48 -7.62
CA GLY A 265 8.86 23.80 -7.96
C GLY A 265 9.10 24.32 -9.36
N HIS A 266 9.82 23.57 -10.20
CA HIS A 266 10.10 24.03 -11.55
C HIS A 266 9.63 23.08 -12.64
N LEU A 267 9.94 21.80 -12.49
CA LEU A 267 9.53 20.79 -13.45
C LEU A 267 8.02 20.71 -13.50
N VAL A 268 7.47 20.48 -14.69
CA VAL A 268 6.03 20.36 -14.85
C VAL A 268 5.76 19.27 -15.86
N ARG A 269 4.74 18.47 -15.62
CA ARG A 269 4.37 17.41 -16.56
C ARG A 269 3.10 17.82 -17.28
N PHE A 270 3.11 17.65 -18.61
CA PHE A 270 1.94 17.95 -19.41
C PHE A 270 1.43 16.66 -20.06
N TYR A 271 0.14 16.40 -19.91
CA TYR A 271 -0.46 15.27 -20.61
C TYR A 271 -1.25 15.96 -21.72
N VAL A 272 -0.97 15.61 -22.97
CA VAL A 272 -1.68 16.22 -24.11
C VAL A 272 -2.50 15.12 -24.78
N GLU A 273 -3.81 15.30 -24.84
CA GLU A 273 -4.66 14.28 -25.43
C GLU A 273 -4.43 14.13 -26.93
N MET A 274 -4.40 12.90 -27.41
CA MET A 274 -4.19 12.62 -28.82
C MET A 274 -5.22 11.64 -29.36
N ASP A 275 -4.89 11.04 -30.51
CA ASP A 275 -5.73 10.07 -31.19
C ASP A 275 -6.96 10.73 -31.83
N ASN A 287 3.79 9.61 -36.49
CA ASN A 287 5.15 9.95 -35.95
C ASN A 287 5.06 11.10 -34.97
N ILE A 288 4.62 10.82 -33.75
CA ILE A 288 4.50 11.85 -32.72
C ILE A 288 5.87 12.30 -32.25
N THR A 289 6.08 13.61 -32.20
CA THR A 289 7.36 14.16 -31.77
C THR A 289 7.10 15.08 -30.58
N VAL A 290 8.12 15.38 -29.80
CA VAL A 290 7.91 16.27 -28.66
C VAL A 290 7.58 17.66 -29.18
N GLU A 291 8.13 18.01 -30.34
CA GLU A 291 7.86 19.32 -30.95
C GLU A 291 6.37 19.45 -31.20
N GLN A 292 5.73 18.38 -31.64
CA GLN A 292 4.30 18.41 -31.89
C GLN A 292 3.52 18.56 -30.60
N LEU A 293 3.96 17.86 -29.56
CA LEU A 293 3.30 17.95 -28.26
C LEU A 293 3.38 19.38 -27.73
N ILE A 294 4.56 19.97 -27.84
CA ILE A 294 4.78 21.33 -27.37
C ILE A 294 3.91 22.30 -28.16
N ALA A 295 3.88 22.12 -29.48
CA ALA A 295 3.07 22.97 -30.34
C ALA A 295 1.60 22.89 -29.94
N THR A 296 1.12 21.70 -29.64
CA THR A 296 -0.27 21.54 -29.25
C THR A 296 -0.53 22.21 -27.90
N ALA A 297 0.35 22.00 -26.92
CA ALA A 297 0.20 22.62 -25.60
C ALA A 297 0.16 24.15 -25.73
N GLN A 298 1.01 24.68 -26.61
CA GLN A 298 1.03 26.14 -26.80
C GLN A 298 -0.30 26.64 -27.38
N ARG A 299 -0.86 25.90 -28.34
CA ARG A 299 -2.14 26.28 -28.93
C ARG A 299 -3.26 26.21 -27.90
N VAL A 300 -3.18 25.21 -27.02
CA VAL A 300 -4.19 25.03 -25.98
C VAL A 300 -4.09 26.13 -24.93
N LEU A 301 -2.87 26.50 -24.56
CA LEU A 301 -2.64 27.53 -23.53
C LEU A 301 -2.85 28.97 -23.99
N HIS A 302 -2.84 29.21 -25.30
CA HIS A 302 -3.01 30.55 -25.82
C HIS A 302 -4.16 31.23 -25.08
N PRO A 303 -4.03 32.53 -24.76
CA PRO A 303 -2.93 33.47 -25.01
C PRO A 303 -1.69 33.34 -24.14
N TYR A 304 -1.73 32.43 -23.17
CA TYR A 304 -0.59 32.23 -22.29
C TYR A 304 0.55 31.59 -23.07
N LYS A 305 1.76 32.09 -22.86
CA LYS A 305 2.93 31.57 -23.56
C LYS A 305 3.62 30.43 -22.83
N LEU A 306 4.21 29.54 -23.62
CA LEU A 306 4.94 28.38 -23.08
C LEU A 306 6.26 28.26 -23.83
N GLU A 307 7.34 28.60 -23.15
CA GLU A 307 8.65 28.50 -23.77
C GLU A 307 9.40 27.37 -23.09
N VAL A 308 9.51 26.23 -23.78
CA VAL A 308 10.20 25.07 -23.24
C VAL A 308 11.71 25.21 -23.36
N LYS A 309 12.40 25.12 -22.23
CA LYS A 309 13.85 25.25 -22.22
C LYS A 309 14.53 23.88 -22.27
N ASN A 310 13.89 22.89 -21.66
CA ASN A 310 14.46 21.55 -21.62
C ASN A 310 13.40 20.49 -21.39
N VAL A 311 13.58 19.32 -22.00
CA VAL A 311 12.62 18.23 -21.85
C VAL A 311 13.32 16.96 -21.35
N PRO A 312 13.38 16.79 -20.02
CA PRO A 312 14.03 15.62 -19.40
C PRO A 312 13.45 14.29 -19.86
N TRP A 313 12.18 14.25 -20.21
CA TRP A 313 11.54 13.01 -20.63
C TRP A 313 10.18 13.25 -21.26
N TRP A 314 9.81 12.38 -22.20
CA TRP A 314 8.50 12.47 -22.83
C TRP A 314 8.19 11.10 -23.43
N SER A 315 6.91 10.82 -23.62
CA SER A 315 6.52 9.54 -24.17
C SER A 315 5.05 9.57 -24.57
N VAL A 316 4.59 8.49 -25.20
CA VAL A 316 3.20 8.38 -25.60
C VAL A 316 2.52 7.32 -24.74
N TYR A 317 1.83 7.78 -23.70
CA TYR A 317 1.13 6.90 -22.79
C TYR A 317 -0.23 6.49 -23.34
N GLU A 318 -0.34 5.22 -23.71
CA GLU A 318 -1.59 4.70 -24.26
C GLU A 318 -1.81 3.26 -23.80
N ILE A 319 -2.89 3.03 -23.06
CA ILE A 319 -3.21 1.69 -22.57
C ILE A 319 -4.71 1.52 -22.40
N GLY A 320 -5.18 0.31 -22.66
CA GLY A 320 -6.60 0.03 -22.51
C GLY A 320 -6.84 -0.52 -21.12
N GLN A 321 -8.11 -0.58 -20.73
CA GLN A 321 -8.45 -1.11 -19.43
C GLN A 321 -8.68 -2.61 -19.56
N ARG A 322 -7.76 -3.37 -18.98
CA ARG A 322 -7.84 -4.81 -19.03
C ARG A 322 -7.52 -5.39 -17.67
N ILE A 323 -7.95 -6.62 -17.45
CA ILE A 323 -7.72 -7.28 -16.18
C ILE A 323 -7.76 -8.79 -16.35
N CYS A 324 -6.95 -9.47 -15.55
CA CYS A 324 -6.92 -10.93 -15.57
C CYS A 324 -8.10 -11.42 -14.75
N ALA A 325 -8.62 -12.59 -15.11
CA ALA A 325 -9.74 -13.17 -14.39
C ALA A 325 -9.31 -13.68 -13.02
N LYS A 326 -8.03 -14.00 -12.88
CA LYS A 326 -7.47 -14.51 -11.63
C LYS A 326 -6.02 -14.03 -11.53
N TYR A 327 -5.50 -13.85 -10.31
CA TYR A 327 -4.13 -13.39 -10.13
C TYR A 327 -3.14 -14.47 -9.72
N ASP A 328 -3.53 -15.74 -9.82
CA ASP A 328 -2.63 -16.82 -9.47
C ASP A 328 -2.76 -17.98 -10.44
N ASP A 329 -2.00 -19.05 -10.20
CA ASP A 329 -2.02 -20.19 -11.10
C ASP A 329 -3.06 -21.27 -10.78
N VAL A 330 -4.08 -20.91 -9.99
CA VAL A 330 -5.13 -21.87 -9.65
C VAL A 330 -6.29 -21.66 -10.61
N VAL A 331 -6.62 -22.72 -11.34
CA VAL A 331 -7.69 -22.67 -12.34
C VAL A 331 -9.07 -22.28 -11.80
N ASP A 332 -9.45 -22.85 -10.66
CA ASP A 332 -10.75 -22.57 -10.06
C ASP A 332 -11.02 -21.07 -9.95
N ALA A 333 -12.16 -20.64 -10.48
CA ALA A 333 -12.55 -19.23 -10.48
C ALA A 333 -12.66 -18.68 -9.06
N VAL A 334 -13.25 -19.49 -8.18
CA VAL A 334 -13.43 -19.15 -6.78
C VAL A 334 -12.99 -20.37 -6.00
N ALA A 335 -11.84 -20.27 -5.34
CA ALA A 335 -11.26 -21.37 -4.58
C ALA A 335 -12.04 -21.82 -3.35
N THR A 336 -11.99 -23.12 -3.10
CA THR A 336 -12.63 -23.72 -1.94
C THR A 336 -11.54 -24.51 -1.24
N PRO A 337 -11.84 -25.12 -0.08
CA PRO A 337 -10.85 -25.90 0.67
C PRO A 337 -10.25 -27.07 -0.09
N ASP A 338 -10.85 -27.44 -1.22
CA ASP A 338 -10.32 -28.56 -1.99
C ASP A 338 -9.60 -28.15 -3.27
N SER A 339 -9.51 -26.84 -3.51
CA SER A 339 -8.83 -26.33 -4.69
C SER A 339 -7.32 -26.50 -4.53
N PRO A 340 -6.58 -26.58 -5.64
CA PRO A 340 -5.13 -26.72 -5.50
C PRO A 340 -4.62 -25.41 -4.89
N LEU A 341 -3.48 -25.44 -4.21
CA LEU A 341 -2.92 -24.24 -3.59
C LEU A 341 -2.07 -23.48 -4.62
N PRO A 342 -2.11 -22.14 -4.57
CA PRO A 342 -1.34 -21.31 -5.50
C PRO A 342 0.17 -21.33 -5.27
N ARG A 343 0.92 -21.19 -6.36
CA ARG A 343 2.38 -21.16 -6.28
C ARG A 343 2.95 -19.94 -7.01
N VAL A 344 2.20 -19.44 -7.97
CA VAL A 344 2.62 -18.28 -8.74
C VAL A 344 1.53 -17.21 -8.73
N PHE A 345 1.94 -15.98 -8.43
CA PHE A 345 1.00 -14.87 -8.39
C PHE A 345 1.48 -13.76 -9.33
N ILE A 346 0.56 -12.90 -9.75
CA ILE A 346 0.92 -11.76 -10.57
C ILE A 346 0.33 -10.54 -9.87
N ALA A 347 1.08 -9.44 -9.91
CA ALA A 347 0.65 -8.20 -9.26
C ALA A 347 0.91 -7.00 -10.16
N GLY A 348 0.19 -5.91 -9.91
CA GLY A 348 0.37 -4.70 -10.68
C GLY A 348 -0.12 -4.76 -12.11
N ASP A 349 0.56 -4.02 -12.99
CA ASP A 349 0.17 -3.98 -14.40
C ASP A 349 0.14 -5.34 -15.06
N ALA A 350 0.84 -6.32 -14.48
CA ALA A 350 0.85 -7.66 -15.04
C ALA A 350 -0.55 -8.28 -15.02
N CYS A 351 -1.43 -7.79 -14.14
CA CYS A 351 -2.78 -8.37 -14.08
C CYS A 351 -3.93 -7.38 -14.21
N HIS A 352 -3.61 -6.09 -14.22
CA HIS A 352 -4.65 -5.09 -14.40
C HIS A 352 -4.08 -3.75 -14.82
N THR A 353 -4.58 -3.24 -15.94
CA THR A 353 -4.16 -1.95 -16.44
C THR A 353 -5.38 -1.06 -16.43
N HIS A 354 -5.26 0.09 -15.78
CA HIS A 354 -6.35 1.04 -15.69
C HIS A 354 -6.10 2.20 -16.64
N SER A 355 -7.16 2.65 -17.30
CA SER A 355 -7.05 3.75 -18.23
C SER A 355 -6.45 4.97 -17.55
N PRO A 356 -5.81 5.85 -18.33
CA PRO A 356 -5.20 7.06 -17.76
C PRO A 356 -6.25 7.89 -17.01
N LYS A 357 -7.51 7.75 -17.44
CA LYS A 357 -8.63 8.46 -16.82
C LYS A 357 -8.84 7.99 -15.39
N ALA A 358 -8.63 6.70 -15.15
CA ALA A 358 -8.81 6.10 -13.83
C ALA A 358 -8.07 6.91 -12.78
N GLY A 359 -6.91 7.47 -13.15
CA GLY A 359 -6.13 8.27 -12.23
C GLY A 359 -5.47 7.48 -11.11
N GLN A 360 -5.27 6.18 -11.32
CA GLN A 360 -4.66 5.30 -10.33
C GLN A 360 -3.13 5.26 -10.39
N GLY A 361 -2.55 5.55 -11.56
CA GLY A 361 -1.11 5.50 -11.68
C GLY A 361 -0.53 4.18 -11.17
N MET A 362 0.52 4.27 -10.36
CA MET A 362 1.21 3.12 -9.77
C MET A 362 0.64 2.79 -8.38
N ASN A 363 -0.31 3.59 -7.92
CA ASN A 363 -0.90 3.39 -6.59
C ASN A 363 -1.59 2.06 -6.35
N PHE A 364 -2.48 1.68 -7.27
CA PHE A 364 -3.21 0.44 -7.08
C PHE A 364 -2.27 -0.76 -7.18
N SER A 365 -1.28 -0.69 -8.06
CA SER A 365 -0.33 -1.79 -8.20
C SER A 365 0.41 -2.09 -6.90
N MET A 366 0.84 -1.05 -6.19
CA MET A 366 1.57 -1.28 -4.95
C MET A 366 0.67 -1.87 -3.86
N GLN A 367 -0.63 -1.58 -3.91
CA GLN A 367 -1.51 -2.15 -2.91
C GLN A 367 -1.65 -3.66 -3.14
N ASP A 368 -1.44 -4.10 -4.38
CA ASP A 368 -1.49 -5.54 -4.66
C ASP A 368 -0.39 -6.21 -3.86
N SER A 369 0.82 -5.65 -3.95
CA SER A 369 1.96 -6.21 -3.24
C SER A 369 1.83 -6.14 -1.73
N PHE A 370 1.25 -5.05 -1.23
CA PHE A 370 1.10 -4.88 0.22
C PHE A 370 0.10 -5.88 0.77
N ASN A 371 -0.81 -6.31 -0.09
CA ASN A 371 -1.82 -7.31 0.27
C ASN A 371 -1.14 -8.69 0.36
N LEU A 372 -0.32 -9.00 -0.65
CA LEU A 372 0.32 -10.30 -0.73
C LEU A 372 1.52 -10.55 0.20
N GLY A 373 2.34 -9.53 0.41
CA GLY A 373 3.54 -9.65 1.22
C GLY A 373 3.42 -10.37 2.55
N TRP A 374 2.60 -9.82 3.45
CA TRP A 374 2.44 -10.44 4.77
C TRP A 374 1.85 -11.84 4.72
N LYS A 375 1.03 -12.12 3.72
CA LYS A 375 0.42 -13.44 3.59
C LYS A 375 1.47 -14.47 3.23
N LEU A 376 2.34 -14.14 2.28
CA LEU A 376 3.41 -15.04 1.88
C LEU A 376 4.33 -15.31 3.07
N ALA A 377 4.65 -14.25 3.82
CA ALA A 377 5.53 -14.38 4.96
C ALA A 377 4.93 -15.28 6.03
N ALA A 378 3.64 -15.10 6.30
CA ALA A 378 2.97 -15.90 7.32
C ALA A 378 2.93 -17.37 6.91
N VAL A 379 2.64 -17.63 5.64
CA VAL A 379 2.58 -19.01 5.16
C VAL A 379 3.97 -19.68 5.19
N LEU A 380 4.99 -18.96 4.72
CA LEU A 380 6.34 -19.50 4.71
C LEU A 380 6.84 -19.80 6.12
N ARG A 381 6.42 -18.98 7.07
CA ARG A 381 6.82 -19.17 8.47
C ARG A 381 5.95 -20.20 9.19
N LYS A 382 5.01 -20.80 8.47
CA LYS A 382 4.10 -21.80 9.02
C LYS A 382 3.22 -21.21 10.12
N GLN A 383 2.95 -19.92 10.04
CA GLN A 383 2.10 -19.26 11.03
C GLN A 383 0.65 -19.21 10.55
N CYS A 384 0.46 -19.36 9.25
CA CYS A 384 -0.88 -19.35 8.65
C CYS A 384 -1.00 -20.46 7.62
N ALA A 385 -2.21 -20.98 7.46
CA ALA A 385 -2.47 -22.05 6.49
C ALA A 385 -2.26 -21.52 5.09
N PRO A 386 -1.72 -22.36 4.19
CA PRO A 386 -1.47 -21.94 2.80
C PRO A 386 -2.73 -21.43 2.11
N GLU A 387 -3.89 -21.89 2.58
CA GLU A 387 -5.16 -21.47 2.01
C GLU A 387 -5.34 -19.96 2.06
N LEU A 388 -4.63 -19.32 3.00
CA LEU A 388 -4.70 -17.87 3.14
C LEU A 388 -4.33 -17.21 1.80
N LEU A 389 -3.40 -17.83 1.07
CA LEU A 389 -2.96 -17.27 -0.20
C LEU A 389 -4.05 -17.11 -1.26
N HIS A 390 -5.13 -17.88 -1.15
CA HIS A 390 -6.24 -17.74 -2.10
C HIS A 390 -6.87 -16.36 -1.98
N THR A 391 -6.80 -15.76 -0.79
CA THR A 391 -7.42 -14.46 -0.56
C THR A 391 -6.75 -13.31 -1.30
N TYR A 392 -5.52 -13.53 -1.77
CA TYR A 392 -4.85 -12.48 -2.52
C TYR A 392 -5.66 -12.22 -3.81
N SER A 393 -5.83 -13.24 -4.63
CA SER A 393 -6.58 -13.06 -5.87
C SER A 393 -8.04 -12.66 -5.63
N SER A 394 -8.73 -13.35 -4.73
CA SER A 394 -10.14 -13.05 -4.48
C SER A 394 -10.38 -11.63 -3.99
N GLU A 395 -9.44 -11.08 -3.23
CA GLU A 395 -9.57 -9.70 -2.76
C GLU A 395 -9.13 -8.70 -3.82
N ARG A 396 -7.90 -8.84 -4.30
CA ARG A 396 -7.36 -7.87 -5.25
C ARG A 396 -7.97 -7.87 -6.65
N GLN A 397 -8.33 -9.02 -7.18
CA GLN A 397 -8.91 -9.05 -8.52
C GLN A 397 -10.30 -8.40 -8.49
N VAL A 398 -11.07 -8.74 -7.48
CA VAL A 398 -12.42 -8.20 -7.34
C VAL A 398 -12.46 -6.68 -7.20
N VAL A 399 -11.63 -6.11 -6.32
CA VAL A 399 -11.68 -4.66 -6.18
C VAL A 399 -11.16 -3.93 -7.40
N ALA A 400 -10.26 -4.57 -8.16
CA ALA A 400 -9.73 -3.95 -9.37
C ALA A 400 -10.81 -3.98 -10.45
N GLN A 401 -11.58 -5.07 -10.51
CA GLN A 401 -12.66 -5.18 -11.49
C GLN A 401 -13.79 -4.22 -11.14
N GLN A 402 -14.12 -4.11 -9.85
CA GLN A 402 -15.16 -3.20 -9.44
C GLN A 402 -14.74 -1.77 -9.77
N LEU A 403 -13.44 -1.49 -9.68
CA LEU A 403 -12.93 -0.16 -9.98
C LEU A 403 -13.12 0.12 -11.47
N ILE A 404 -12.87 -0.90 -12.29
CA ILE A 404 -13.03 -0.79 -13.74
C ILE A 404 -14.50 -0.59 -14.07
N ASP A 405 -15.37 -1.34 -13.41
CA ASP A 405 -16.81 -1.19 -13.66
C ASP A 405 -17.22 0.25 -13.39
N PHE A 406 -16.70 0.83 -12.31
CA PHE A 406 -17.03 2.20 -11.96
C PHE A 406 -16.48 3.21 -12.97
N ASP A 407 -15.22 3.04 -13.35
CA ASP A 407 -14.59 3.94 -14.30
C ASP A 407 -15.10 3.67 -15.70
N ARG A 408 -15.86 2.58 -15.83
CA ARG A 408 -16.46 2.19 -17.10
C ARG A 408 -17.65 3.11 -17.37
N GLU A 409 -18.38 3.42 -16.30
CA GLU A 409 -19.55 4.29 -16.39
C GLU A 409 -19.19 5.74 -16.11
N TRP A 410 -18.17 5.95 -15.28
CA TRP A 410 -17.72 7.29 -14.95
C TRP A 410 -17.26 7.93 -16.25
N ALA A 411 -17.18 7.10 -17.29
CA ALA A 411 -16.76 7.56 -18.62
C ALA A 411 -17.92 8.13 -19.42
N LYS A 412 -18.20 9.41 -19.21
CA LYS A 412 -19.28 10.11 -19.90
C LYS A 412 -19.23 11.58 -19.53
N ASP A 427 -29.50 14.79 -12.15
CA ASP A 427 -28.31 14.45 -12.97
C ASP A 427 -27.10 15.32 -12.62
N PRO A 428 -27.29 16.65 -12.56
CA PRO A 428 -26.16 17.53 -12.22
C PRO A 428 -25.60 17.23 -10.83
N LYS A 429 -26.48 16.79 -9.92
CA LYS A 429 -26.07 16.45 -8.57
C LYS A 429 -25.58 15.00 -8.55
N GLU A 430 -25.89 14.28 -9.63
CA GLU A 430 -25.47 12.89 -9.76
C GLU A 430 -24.03 12.87 -10.24
N PHE A 431 -23.68 13.89 -11.01
CA PHE A 431 -22.32 14.04 -11.54
C PHE A 431 -21.37 14.39 -10.39
N GLN A 432 -21.83 15.28 -9.51
CA GLN A 432 -21.02 15.68 -8.37
C GLN A 432 -20.81 14.46 -7.47
N LYS A 433 -21.81 13.58 -7.43
CA LYS A 433 -21.73 12.37 -6.62
C LYS A 433 -20.64 11.47 -7.17
N TYR A 434 -20.61 11.35 -8.49
CA TYR A 434 -19.60 10.54 -9.16
C TYR A 434 -18.23 11.20 -9.00
N PHE A 435 -18.23 12.53 -8.98
CA PHE A 435 -17.00 13.29 -8.83
C PHE A 435 -16.42 13.04 -7.43
N GLU A 436 -17.28 13.04 -6.43
CA GLU A 436 -16.85 12.81 -5.06
C GLU A 436 -16.34 11.39 -4.85
N GLN A 437 -17.04 10.42 -5.45
CA GLN A 437 -16.64 9.03 -5.30
C GLN A 437 -15.33 8.79 -6.02
N HIS A 438 -15.18 9.43 -7.17
CA HIS A 438 -13.97 9.31 -7.97
C HIS A 438 -12.81 9.79 -7.10
N GLY A 439 -13.06 10.84 -6.30
CA GLY A 439 -12.02 11.39 -5.43
C GLY A 439 -11.60 10.41 -4.35
N ARG A 440 -12.57 9.70 -3.78
CA ARG A 440 -12.24 8.73 -2.74
C ARG A 440 -11.47 7.57 -3.37
N PHE A 441 -11.89 7.17 -4.57
CA PHE A 441 -11.20 6.08 -5.27
C PHE A 441 -9.79 6.46 -5.70
N THR A 442 -9.61 7.66 -6.25
CA THR A 442 -8.29 8.07 -6.69
C THR A 442 -7.36 8.30 -5.49
N ALA A 443 -7.93 8.65 -4.33
CA ALA A 443 -7.09 8.85 -3.15
C ALA A 443 -6.70 7.48 -2.56
N GLY A 444 -7.27 6.42 -3.12
CA GLY A 444 -6.97 5.06 -2.68
C GLY A 444 -7.65 4.56 -1.42
N VAL A 445 -8.59 5.33 -0.89
CA VAL A 445 -9.27 4.95 0.34
C VAL A 445 -10.67 4.35 0.13
N GLY A 446 -10.98 3.99 -1.12
CA GLY A 446 -12.28 3.43 -1.40
C GLY A 446 -12.35 1.91 -1.34
N THR A 447 -11.21 1.26 -1.25
CA THR A 447 -11.19 -0.19 -1.21
C THR A 447 -12.02 -0.72 -0.04
N HIS A 448 -12.93 -1.64 -0.35
CA HIS A 448 -13.80 -2.22 0.66
C HIS A 448 -13.97 -3.70 0.34
N TYR A 449 -13.22 -4.53 1.06
CA TYR A 449 -13.28 -5.96 0.84
C TYR A 449 -14.60 -6.55 1.36
N ALA A 450 -15.17 -7.47 0.59
CA ALA A 450 -16.42 -8.10 0.99
C ALA A 450 -16.13 -9.20 2.01
N PRO A 451 -17.15 -9.65 2.74
CA PRO A 451 -16.99 -10.71 3.76
C PRO A 451 -16.25 -11.90 3.15
N SER A 452 -15.39 -12.52 3.95
CA SER A 452 -14.59 -13.64 3.46
C SER A 452 -13.95 -14.33 4.64
N LEU A 453 -12.92 -15.12 4.35
CA LEU A 453 -12.16 -15.79 5.40
C LEU A 453 -11.59 -14.72 6.33
N LEU A 454 -11.11 -13.62 5.77
CA LEU A 454 -10.51 -12.56 6.58
C LEU A 454 -11.41 -11.42 7.01
N THR A 455 -12.44 -11.12 6.24
CA THR A 455 -13.31 -9.99 6.52
C THR A 455 -14.68 -10.36 7.07
N GLY A 456 -15.04 -9.74 8.18
CA GLY A 456 -16.32 -10.02 8.80
C GLY A 456 -17.53 -9.42 8.08
N GLN A 457 -18.71 -9.73 8.58
CA GLN A 457 -19.99 -9.27 8.05
C GLN A 457 -20.40 -7.89 8.56
N ALA A 458 -19.74 -7.43 9.61
CA ALA A 458 -20.02 -6.12 10.20
C ALA A 458 -21.30 -6.02 11.03
N LYS A 459 -21.74 -7.12 11.62
CA LYS A 459 -22.95 -7.07 12.45
C LYS A 459 -22.76 -6.26 13.74
N HIS A 460 -21.52 -5.90 14.06
CA HIS A 460 -21.27 -5.07 15.24
C HIS A 460 -20.58 -3.78 14.78
N GLN A 461 -20.86 -3.37 13.55
CA GLN A 461 -20.23 -2.17 13.03
C GLN A 461 -20.48 -0.93 13.88
N ALA A 462 -21.67 -0.85 14.47
CA ALA A 462 -22.02 0.31 15.29
C ALA A 462 -21.17 0.48 16.55
N LEU A 463 -20.37 -0.52 16.90
CA LEU A 463 -19.49 -0.39 18.07
C LEU A 463 -18.39 0.62 17.74
N ALA A 464 -18.08 0.75 16.45
CA ALA A 464 -17.04 1.67 15.98
C ALA A 464 -17.40 1.98 14.53
N SER A 465 -18.38 2.85 14.37
CA SER A 465 -18.88 3.17 13.04
C SER A 465 -17.88 3.80 12.07
N GLY A 466 -16.84 4.41 12.61
CA GLY A 466 -15.85 5.05 11.75
C GLY A 466 -14.76 4.11 11.26
N PHE A 467 -14.81 2.85 11.68
CA PHE A 467 -13.83 1.87 11.23
C PHE A 467 -14.57 0.78 10.46
N THR A 468 -14.98 1.11 9.24
CA THR A 468 -15.72 0.19 8.39
C THR A 468 -14.96 -1.11 8.13
N VAL A 469 -15.62 -2.22 8.42
CA VAL A 469 -15.04 -3.55 8.21
C VAL A 469 -14.75 -3.73 6.72
N GLY A 470 -13.52 -4.12 6.40
CA GLY A 470 -13.15 -4.32 5.01
C GLY A 470 -12.44 -3.14 4.36
N MET A 471 -12.39 -2.01 5.05
CA MET A 471 -11.72 -0.83 4.51
C MET A 471 -10.47 -0.53 5.34
N ARG A 472 -9.59 0.32 4.82
CA ARG A 472 -8.37 0.65 5.55
C ARG A 472 -8.67 1.36 6.88
N PHE A 473 -7.79 1.16 7.85
CA PHE A 473 -7.94 1.76 9.20
C PHE A 473 -7.73 3.28 9.10
N HIS A 474 -8.84 4.03 9.19
CA HIS A 474 -8.78 5.49 9.07
C HIS A 474 -8.19 6.08 10.35
N SER A 475 -6.91 6.44 10.30
CA SER A 475 -6.24 6.95 11.48
C SER A 475 -6.86 8.23 12.04
N ALA A 476 -6.71 8.41 13.34
CA ALA A 476 -7.19 9.61 14.01
C ALA A 476 -6.21 9.92 15.14
N PRO A 477 -6.16 11.18 15.57
CA PRO A 477 -5.23 11.55 16.65
C PRO A 477 -5.58 10.95 18.01
N VAL A 478 -4.54 10.69 18.79
CA VAL A 478 -4.68 10.18 20.16
C VAL A 478 -3.49 10.76 20.91
N VAL A 479 -3.45 10.54 22.22
CA VAL A 479 -2.35 11.02 23.05
C VAL A 479 -1.75 9.82 23.75
N ARG A 480 -0.45 9.63 23.60
CA ARG A 480 0.22 8.49 24.21
C ARG A 480 0.33 8.75 25.72
N VAL A 481 -0.12 7.79 26.53
CA VAL A 481 -0.11 7.99 27.97
C VAL A 481 1.26 8.07 28.65
N CYS A 482 2.22 7.29 28.18
CA CYS A 482 3.53 7.32 28.81
C CYS A 482 4.26 8.66 28.74
N ASP A 483 3.96 9.48 27.74
CA ASP A 483 4.69 10.74 27.63
C ASP A 483 3.89 11.92 27.07
N ALA A 484 2.58 11.75 26.97
CA ALA A 484 1.67 12.78 26.46
C ALA A 484 1.94 13.18 25.02
N LYS A 485 2.60 12.32 24.26
CA LYS A 485 2.87 12.69 22.87
C LYS A 485 1.65 12.57 21.97
N PRO A 486 1.35 13.61 21.19
CA PRO A 486 0.20 13.56 20.28
C PRO A 486 0.65 12.69 19.11
N VAL A 487 -0.12 11.68 18.76
CA VAL A 487 0.27 10.83 17.65
C VAL A 487 -0.94 10.37 16.85
N GLN A 488 -0.69 9.80 15.67
CA GLN A 488 -1.77 9.28 14.84
C GLN A 488 -1.86 7.79 15.18
N LEU A 489 -3.03 7.36 15.67
CA LEU A 489 -3.20 5.97 16.08
C LEU A 489 -2.84 4.95 15.01
N GLY A 490 -3.23 5.22 13.77
CA GLY A 490 -2.93 4.30 12.69
C GLY A 490 -1.46 4.15 12.38
N HIS A 491 -0.64 5.05 12.90
CA HIS A 491 0.78 4.94 12.62
C HIS A 491 1.45 3.87 13.49
N CYS A 492 0.64 3.20 14.31
CA CYS A 492 1.14 2.08 15.10
C CYS A 492 1.28 0.93 14.08
N GLY A 493 0.50 1.03 13.01
CA GLY A 493 0.50 0.00 11.99
C GLY A 493 1.64 0.09 11.02
N LYS A 494 2.78 -0.49 11.38
CA LYS A 494 3.95 -0.46 10.52
C LYS A 494 3.99 -1.70 9.63
N ALA A 495 4.76 -1.66 8.56
CA ALA A 495 4.84 -2.77 7.61
C ALA A 495 5.78 -3.86 8.11
N ASP A 496 5.43 -4.43 9.26
CA ASP A 496 6.26 -5.47 9.87
C ASP A 496 5.57 -6.82 9.95
N GLY A 497 4.45 -6.96 9.22
CA GLY A 497 3.74 -8.22 9.17
C GLY A 497 2.85 -8.55 10.35
N ARG A 498 2.78 -7.66 11.32
CA ARG A 498 1.96 -7.92 12.50
C ARG A 498 0.51 -7.49 12.38
N TRP A 499 -0.35 -8.24 13.05
CA TRP A 499 -1.76 -7.89 13.10
C TRP A 499 -1.87 -6.88 14.21
N ARG A 500 -2.85 -5.98 14.12
CA ARG A 500 -3.04 -4.99 15.18
C ARG A 500 -4.40 -5.20 15.82
N LEU A 501 -4.45 -5.04 17.14
CA LEU A 501 -5.70 -5.16 17.89
C LEU A 501 -5.84 -3.81 18.58
N TYR A 502 -6.73 -2.97 18.05
CA TYR A 502 -6.98 -1.66 18.64
C TYR A 502 -8.20 -1.84 19.53
N ALA A 503 -7.95 -1.79 20.84
CA ALA A 503 -9.02 -1.97 21.80
C ALA A 503 -9.42 -0.62 22.39
N PHE A 504 -10.64 -0.20 22.08
CA PHE A 504 -11.20 1.03 22.61
C PHE A 504 -12.01 0.67 23.83
N ALA A 505 -11.56 1.13 24.98
CA ALA A 505 -12.21 0.82 26.25
C ALA A 505 -13.58 1.42 26.43
N ALA A 506 -14.43 0.70 27.17
CA ALA A 506 -15.77 1.18 27.48
C ALA A 506 -15.53 2.25 28.56
N GLN A 507 -16.50 3.15 28.74
CA GLN A 507 -16.37 4.24 29.71
C GLN A 507 -15.91 3.82 31.11
N ASN A 508 -16.49 2.75 31.66
CA ASN A 508 -16.11 2.29 32.99
C ASN A 508 -15.05 1.20 33.05
N ASP A 509 -14.38 0.92 31.94
CA ASP A 509 -13.39 -0.16 31.95
C ASP A 509 -12.20 0.00 32.89
N LEU A 510 -11.67 1.21 32.99
CA LEU A 510 -10.52 1.46 33.85
C LEU A 510 -10.92 1.23 35.31
N ALA A 511 -12.15 1.63 35.64
CA ALA A 511 -12.68 1.49 36.99
C ALA A 511 -13.21 0.10 37.30
N GLN A 512 -13.59 -0.66 36.27
CA GLN A 512 -14.14 -2.01 36.47
C GLN A 512 -13.42 -3.05 35.63
N PRO A 513 -12.28 -3.56 36.12
CA PRO A 513 -11.44 -4.57 35.45
C PRO A 513 -12.10 -5.92 35.21
N GLU A 514 -13.20 -6.20 35.93
CA GLU A 514 -13.90 -7.47 35.80
C GLU A 514 -14.45 -7.75 34.40
N SER A 515 -14.57 -6.71 33.58
CA SER A 515 -15.07 -6.88 32.23
C SER A 515 -14.45 -5.86 31.28
N GLY A 516 -14.89 -5.88 30.03
CA GLY A 516 -14.36 -4.93 29.07
C GLY A 516 -12.91 -5.11 28.71
N LEU A 517 -12.24 -4.00 28.41
CA LEU A 517 -10.85 -4.03 27.96
C LEU A 517 -9.86 -4.78 28.84
N LEU A 518 -9.85 -4.51 30.15
CA LEU A 518 -8.92 -5.20 31.02
C LEU A 518 -9.17 -6.70 31.09
N ALA A 519 -10.44 -7.11 30.99
CA ALA A 519 -10.79 -8.53 31.03
C ALA A 519 -10.31 -9.18 29.74
N LEU A 520 -10.33 -8.41 28.65
CA LEU A 520 -9.85 -8.93 27.37
C LEU A 520 -8.35 -9.19 27.50
N CYS A 521 -7.64 -8.26 28.14
CA CYS A 521 -6.21 -8.41 28.31
C CYS A 521 -5.86 -9.65 29.13
N ARG A 522 -6.65 -9.87 30.19
CA ARG A 522 -6.48 -11.02 31.09
C ARG A 522 -6.67 -12.30 30.27
N PHE A 523 -7.67 -12.30 29.41
CA PHE A 523 -7.94 -13.45 28.56
C PHE A 523 -6.79 -13.67 27.58
N LEU A 524 -6.39 -12.61 26.89
CA LEU A 524 -5.31 -12.73 25.91
C LEU A 524 -4.00 -13.27 26.48
N GLU A 525 -3.61 -12.78 27.66
CA GLU A 525 -2.36 -13.23 28.25
C GLU A 525 -2.44 -14.54 29.01
N GLY A 526 -3.55 -14.78 29.70
CA GLY A 526 -3.65 -15.99 30.51
C GLY A 526 -4.47 -17.19 30.08
N ASP A 527 -5.30 -17.05 29.06
CA ASP A 527 -6.13 -18.17 28.64
C ASP A 527 -5.48 -18.96 27.50
N ALA A 528 -5.39 -20.28 27.67
CA ALA A 528 -4.78 -21.16 26.69
C ALA A 528 -5.42 -21.10 25.31
N ALA A 529 -6.70 -20.75 25.26
CA ALA A 529 -7.43 -20.67 24.01
C ALA A 529 -7.18 -19.33 23.34
N SER A 530 -6.50 -18.44 24.05
CA SER A 530 -6.20 -17.11 23.52
C SER A 530 -5.40 -17.21 22.24
N PRO A 531 -5.75 -16.39 21.23
CA PRO A 531 -4.95 -16.50 20.00
C PRO A 531 -3.50 -16.07 20.24
N LEU A 532 -3.30 -15.22 21.24
CA LEU A 532 -1.96 -14.74 21.56
C LEU A 532 -1.12 -15.91 22.09
N ARG A 533 -1.73 -16.72 22.95
CA ARG A 533 -0.99 -17.86 23.50
C ARG A 533 -0.85 -18.97 22.47
N ARG A 534 -1.90 -19.19 21.68
CA ARG A 534 -1.90 -20.24 20.68
C ARG A 534 -0.95 -20.00 19.51
N PHE A 535 -0.90 -18.77 19.02
CA PHE A 535 -0.12 -18.49 17.84
C PHE A 535 1.18 -17.72 17.92
N THR A 536 1.56 -17.24 19.09
CA THR A 536 2.83 -16.53 19.19
C THR A 536 3.92 -17.58 19.40
N PRO A 537 4.92 -17.60 18.50
CA PRO A 537 6.01 -18.59 18.64
C PRO A 537 6.74 -18.50 19.98
N ALA A 538 7.06 -19.66 20.55
CA ALA A 538 7.75 -19.70 21.83
C ALA A 538 9.06 -18.93 21.72
N GLY A 539 9.39 -18.16 22.75
CA GLY A 539 10.64 -17.41 22.71
C GLY A 539 10.56 -16.03 22.10
N GLN A 540 9.49 -15.72 21.37
CA GLN A 540 9.35 -14.40 20.75
C GLN A 540 8.65 -13.43 21.69
N ASP A 541 8.75 -12.13 21.38
CA ASP A 541 8.10 -11.10 22.19
C ASP A 541 6.59 -11.36 22.19
N ILE A 542 5.94 -10.99 23.28
CA ILE A 542 4.50 -11.19 23.41
C ILE A 542 3.66 -10.42 22.38
N ASP A 543 4.25 -9.40 21.77
CA ASP A 543 3.56 -8.60 20.75
C ASP A 543 4.17 -8.86 19.37
N SER A 544 4.82 -10.01 19.18
CA SER A 544 5.46 -10.28 17.90
C SER A 544 4.51 -10.70 16.77
N ILE A 545 3.29 -11.12 17.13
CA ILE A 545 2.30 -11.52 16.14
C ILE A 545 1.12 -10.54 16.23
N PHE A 546 0.64 -10.34 17.46
CA PHE A 546 -0.48 -9.46 17.73
C PHE A 546 -0.01 -8.20 18.45
N ASP A 547 -0.12 -7.06 17.75
CA ASP A 547 0.27 -5.77 18.30
C ASP A 547 -0.99 -5.15 18.89
N LEU A 548 -1.13 -5.27 20.21
CA LEU A 548 -2.27 -4.74 20.93
C LEU A 548 -2.05 -3.31 21.40
N ARG A 549 -2.98 -2.42 21.07
CA ARG A 549 -2.91 -1.02 21.50
C ARG A 549 -4.22 -0.70 22.19
N ALA A 550 -4.15 -0.20 23.42
CA ALA A 550 -5.37 0.14 24.15
C ALA A 550 -5.62 1.63 24.15
N VAL A 551 -6.86 2.01 23.88
CA VAL A 551 -7.24 3.41 23.87
C VAL A 551 -8.36 3.64 24.87
N PHE A 552 -8.07 4.44 25.89
CA PHE A 552 -9.04 4.77 26.93
C PHE A 552 -9.69 6.11 26.64
N PRO A 553 -10.96 6.28 27.06
CA PRO A 553 -11.63 7.56 26.82
C PRO A 553 -11.23 8.64 27.83
N GLN A 554 -10.66 8.21 28.95
CA GLN A 554 -10.21 9.13 30.01
C GLN A 554 -8.98 9.89 29.53
N ALA A 555 -8.73 11.07 30.10
CA ALA A 555 -7.55 11.87 29.74
C ALA A 555 -6.31 11.07 30.12
N TYR A 556 -5.19 11.34 29.44
CA TYR A 556 -3.98 10.59 29.70
C TYR A 556 -3.52 10.70 31.15
N THR A 557 -3.82 11.83 31.78
CA THR A 557 -3.43 12.05 33.16
C THR A 557 -4.24 11.19 34.13
N GLU A 558 -5.30 10.56 33.64
CA GLU A 558 -6.14 9.72 34.49
C GLU A 558 -5.88 8.23 34.36
N VAL A 559 -4.99 7.87 33.43
CA VAL A 559 -4.64 6.47 33.20
C VAL A 559 -3.32 6.16 33.92
N ALA A 560 -3.40 5.39 35.00
CA ALA A 560 -2.22 5.03 35.79
C ALA A 560 -1.55 3.78 35.22
N LEU A 561 -0.43 3.99 34.51
CA LEU A 561 0.29 2.87 33.90
C LEU A 561 0.68 1.76 34.87
N GLU A 562 1.11 2.14 36.07
CA GLU A 562 1.54 1.17 37.06
C GLU A 562 0.45 0.19 37.48
N THR A 563 -0.81 0.53 37.18
CA THR A 563 -1.95 -0.31 37.55
C THR A 563 -2.45 -1.21 36.42
N LEU A 564 -1.87 -1.07 35.23
CA LEU A 564 -2.31 -1.85 34.08
C LEU A 564 -1.64 -3.21 33.95
N PRO A 565 -2.31 -4.16 33.27
CA PRO A 565 -1.80 -5.52 33.05
C PRO A 565 -0.46 -5.43 32.31
N ALA A 566 0.42 -6.39 32.56
CA ALA A 566 1.74 -6.40 31.92
C ALA A 566 1.63 -6.49 30.40
N LEU A 567 0.49 -6.99 29.90
CA LEU A 567 0.32 -7.09 28.46
C LEU A 567 0.32 -5.70 27.81
N LEU A 568 -0.10 -4.69 28.58
CA LEU A 568 -0.13 -3.33 28.06
C LEU A 568 1.14 -2.53 28.30
N LEU A 569 2.09 -3.13 29.04
CA LEU A 569 3.40 -2.53 29.32
C LEU A 569 4.34 -3.73 29.21
N PRO A 570 4.33 -4.39 28.05
CA PRO A 570 5.15 -5.57 27.82
C PRO A 570 6.67 -5.47 27.73
N PRO A 571 7.37 -6.38 28.41
CA PRO A 571 8.83 -6.36 28.34
C PRO A 571 9.11 -7.04 27.01
N LYS A 572 10.24 -6.73 26.38
CA LYS A 572 10.59 -7.34 25.11
C LYS A 572 12.09 -7.30 24.91
N GLY A 573 12.57 -8.07 23.93
CA GLY A 573 13.99 -8.08 23.65
C GLY A 573 14.81 -8.86 24.66
N GLN A 574 16.12 -8.78 24.50
CA GLN A 574 17.08 -9.49 25.36
C GLN A 574 17.24 -8.92 26.76
N LEU A 575 16.85 -7.66 26.98
CA LEU A 575 17.02 -7.06 28.30
C LEU A 575 15.72 -6.90 29.06
N GLY A 576 14.61 -7.32 28.47
CA GLY A 576 13.33 -7.19 29.14
C GLY A 576 12.87 -5.74 29.26
N MET A 577 13.37 -4.88 28.38
CA MET A 577 12.97 -3.48 28.40
C MET A 577 11.46 -3.38 28.15
N ILE A 578 10.82 -2.42 28.81
CA ILE A 578 9.39 -2.20 28.71
C ILE A 578 8.98 -1.34 27.51
N ASP A 579 7.96 -1.78 26.77
CA ASP A 579 7.46 -1.01 25.64
C ASP A 579 6.35 -0.14 26.22
N TYR A 580 6.59 1.17 26.24
CA TYR A 580 5.64 2.13 26.80
C TYR A 580 4.67 2.73 25.79
N GLU A 581 4.61 2.15 24.59
CA GLU A 581 3.74 2.73 23.57
C GLU A 581 2.48 1.96 23.22
N LYS A 582 1.94 1.20 24.18
CA LYS A 582 0.73 0.43 23.91
C LYS A 582 -0.54 1.05 24.44
N VAL A 583 -0.40 2.13 25.22
CA VAL A 583 -1.53 2.76 25.88
C VAL A 583 -1.77 4.21 25.47
N PHE A 584 -3.02 4.51 25.14
CA PHE A 584 -3.40 5.84 24.68
C PHE A 584 -4.70 6.35 25.27
N SER A 585 -4.86 7.67 25.14
CA SER A 585 -6.05 8.41 25.57
C SER A 585 -6.40 9.29 24.38
N PRO A 586 -7.55 9.96 24.41
CA PRO A 586 -7.90 10.82 23.27
C PRO A 586 -7.24 12.18 23.42
N ASP A 587 -7.28 12.95 22.34
CA ASP A 587 -6.79 14.32 22.40
C ASP A 587 -8.01 15.03 23.01
N LEU A 588 -7.89 15.46 24.25
CA LEU A 588 -9.00 16.14 24.92
C LEU A 588 -8.71 17.63 25.15
N LYS A 589 -7.56 18.07 24.65
CA LYS A 589 -7.16 19.47 24.78
C LYS A 589 -7.79 20.31 23.67
N ASN A 590 -7.73 19.81 22.45
CA ASN A 590 -8.28 20.51 21.30
C ASN A 590 -9.71 20.10 21.00
N ALA A 591 -10.58 21.10 20.87
CA ALA A 591 -11.99 20.84 20.60
C ALA A 591 -12.21 19.99 19.35
N GLY A 592 -13.14 19.06 19.45
CA GLY A 592 -13.48 18.18 18.35
C GLY A 592 -12.44 17.19 17.87
N GLN A 593 -11.46 16.88 18.71
CA GLN A 593 -10.40 15.95 18.31
C GLN A 593 -10.42 14.61 19.06
N ASP A 594 -11.52 14.34 19.76
CA ASP A 594 -11.66 13.11 20.54
C ASP A 594 -11.98 11.95 19.60
N ILE A 595 -11.07 10.97 19.53
CA ILE A 595 -11.27 9.83 18.64
C ILE A 595 -12.57 9.05 18.91
N PHE A 596 -13.04 9.03 20.16
CA PHE A 596 -14.28 8.30 20.43
C PHE A 596 -15.45 8.95 19.68
N GLU A 597 -15.37 10.27 19.50
CA GLU A 597 -16.39 11.01 18.77
C GLU A 597 -16.13 10.88 17.27
N LEU A 598 -14.90 11.20 16.87
CA LEU A 598 -14.51 11.18 15.46
C LEU A 598 -14.75 9.84 14.75
N ARG A 599 -14.51 8.74 15.44
CA ARG A 599 -14.66 7.43 14.82
C ARG A 599 -15.86 6.64 15.30
N GLY A 600 -16.81 7.33 15.93
CA GLY A 600 -18.04 6.70 16.37
C GLY A 600 -17.97 5.47 17.24
N ILE A 601 -17.14 5.53 18.27
CA ILE A 601 -17.01 4.41 19.19
C ILE A 601 -18.21 4.40 20.13
N ASP A 602 -18.76 3.21 20.38
CA ASP A 602 -19.88 3.10 21.32
C ASP A 602 -19.22 3.27 22.69
N ARG A 603 -19.44 4.41 23.32
CA ARG A 603 -18.82 4.69 24.61
C ARG A 603 -19.15 3.72 25.75
N GLN A 604 -20.38 3.25 25.82
CA GLN A 604 -20.76 2.34 26.90
C GLN A 604 -20.27 0.91 26.72
N GLN A 605 -20.03 0.51 25.47
CA GLN A 605 -19.59 -0.86 25.16
C GLN A 605 -18.11 -1.00 24.81
N GLY A 606 -17.56 0.02 24.18
CA GLY A 606 -16.17 -0.08 23.76
C GLY A 606 -16.17 -0.89 22.48
N ALA A 607 -15.00 -1.21 21.95
CA ALA A 607 -14.94 -1.97 20.70
C ALA A 607 -13.55 -2.50 20.44
N LEU A 608 -13.46 -3.68 19.82
CA LEU A 608 -12.17 -4.24 19.46
C LEU A 608 -12.09 -4.19 17.94
N VAL A 609 -11.12 -3.44 17.41
CA VAL A 609 -10.96 -3.31 15.97
C VAL A 609 -9.73 -4.12 15.58
N VAL A 610 -9.96 -5.18 14.83
CA VAL A 610 -8.90 -6.08 14.39
C VAL A 610 -8.45 -5.64 13.01
N VAL A 611 -7.15 -5.34 12.91
CA VAL A 611 -6.57 -4.85 11.67
C VAL A 611 -5.44 -5.74 11.17
N ARG A 612 -5.50 -6.03 9.88
CA ARG A 612 -4.52 -6.89 9.22
C ARG A 612 -3.18 -6.19 9.06
N PRO A 613 -2.12 -6.94 8.71
CA PRO A 613 -0.79 -6.35 8.52
C PRO A 613 -0.73 -5.34 7.37
N ASP A 614 -1.76 -5.31 6.51
CA ASP A 614 -1.80 -4.37 5.39
C ASP A 614 -2.68 -3.16 5.73
N GLN A 615 -3.00 -3.03 7.02
CA GLN A 615 -3.79 -1.91 7.53
C GLN A 615 -5.28 -1.94 7.24
N TYR A 616 -5.80 -3.06 6.71
CA TYR A 616 -7.23 -3.14 6.46
C TYR A 616 -7.96 -3.72 7.65
N VAL A 617 -9.10 -3.13 7.99
CA VAL A 617 -9.91 -3.61 9.10
C VAL A 617 -10.54 -4.95 8.74
N ALA A 618 -10.32 -5.94 9.60
CA ALA A 618 -10.85 -7.28 9.40
C ALA A 618 -12.11 -7.50 10.23
N GLN A 619 -12.11 -6.98 11.45
CA GLN A 619 -13.25 -7.18 12.36
C GLN A 619 -13.50 -6.02 13.29
N VAL A 620 -14.73 -5.87 13.73
CA VAL A 620 -15.10 -4.88 14.74
C VAL A 620 -15.91 -5.79 15.66
N LEU A 621 -15.33 -6.14 16.80
CA LEU A 621 -15.98 -7.07 17.72
C LEU A 621 -16.20 -6.53 19.11
N PRO A 622 -17.13 -7.15 19.84
CA PRO A 622 -17.39 -6.71 21.21
C PRO A 622 -16.12 -7.08 21.98
N LEU A 623 -15.70 -6.24 22.91
CA LEU A 623 -14.50 -6.54 23.69
C LEU A 623 -14.63 -7.88 24.41
N GLY A 624 -15.86 -8.20 24.83
CA GLY A 624 -16.09 -9.43 25.56
C GLY A 624 -16.31 -10.69 24.76
N ASP A 625 -16.38 -10.60 23.44
CA ASP A 625 -16.60 -11.81 22.64
C ASP A 625 -15.26 -12.49 22.37
N HIS A 626 -14.69 -13.06 23.42
CA HIS A 626 -13.41 -13.74 23.34
C HIS A 626 -13.50 -14.96 22.43
N ALA A 627 -14.65 -15.64 22.48
CA ALA A 627 -14.84 -16.83 21.66
C ALA A 627 -14.76 -16.49 20.16
N ALA A 628 -15.37 -15.39 19.74
CA ALA A 628 -15.33 -15.03 18.33
C ALA A 628 -13.92 -14.64 17.92
N LEU A 629 -13.20 -13.94 18.80
CA LEU A 629 -11.83 -13.53 18.50
C LEU A 629 -10.97 -14.78 18.29
N SER A 630 -11.10 -15.74 19.21
CA SER A 630 -10.35 -16.98 19.09
C SER A 630 -10.70 -17.72 17.80
N ALA A 631 -11.99 -17.89 17.56
CA ALA A 631 -12.45 -18.63 16.38
C ALA A 631 -11.97 -18.02 15.07
N TYR A 632 -11.94 -16.69 15.01
CA TYR A 632 -11.49 -16.00 13.81
C TYR A 632 -10.07 -16.43 13.47
N PHE A 633 -9.16 -16.27 14.42
CA PHE A 633 -7.78 -16.64 14.15
C PHE A 633 -7.56 -18.13 14.00
N GLU A 634 -8.33 -18.94 14.72
CA GLU A 634 -8.19 -20.38 14.59
C GLU A 634 -8.54 -20.81 13.16
N SER A 635 -9.34 -20.01 12.46
CA SER A 635 -9.75 -20.38 11.12
C SER A 635 -8.65 -20.34 10.05
N PHE A 636 -7.52 -19.68 10.35
CA PHE A 636 -6.43 -19.64 9.37
C PHE A 636 -5.01 -19.62 9.93
N MET A 637 -4.85 -19.41 11.23
CA MET A 637 -3.50 -19.42 11.80
C MET A 637 -3.15 -20.84 12.27
N ARG A 638 -1.86 -21.08 12.42
CA ARG A 638 -1.37 -22.40 12.84
C ARG A 638 -0.62 -22.32 14.16
N ALA A 639 -0.92 -23.25 15.04
CA ALA A 639 -0.27 -23.31 16.35
C ALA A 639 1.00 -24.16 16.26
#